data_6RCS
#
_entry.id   6RCS
#
_cell.length_a   80.080
_cell.length_b   80.080
_cell.length_c   162.690
_cell.angle_alpha   90.00
_cell.angle_beta   90.00
_cell.angle_gamma   90.00
#
_symmetry.space_group_name_H-M   'P 43 21 2'
#
loop_
_entity.id
_entity.type
_entity.pdbx_description
1 polymer 'R5.016 heavy chain'
2 polymer 'R5.016 light chain'
3 non-polymer 'ACETATE ION'
4 non-polymer 'SULFATE ION'
5 water water
#
loop_
_entity_poly.entity_id
_entity_poly.type
_entity_poly.pdbx_seq_one_letter_code
_entity_poly.pdbx_strand_id
1 'polypeptide(L)'
;TGVHSQVQLVQSGAEVKKPGASVRVSCKASGYTFTSYGISWVRQAPGQGLEWMGWISGYDGNTNYAQKLQGRVTMTTDTS
TSTAYMELRSLRSDDTAVYYCARDGPQVGDFDWQVYYYYGMDVWGQGTTVTVSSASTKGPSVFPLAPSSKSTSGGTAALG
CLVKDYFPEPVTVSWNSGALTSGVHTFPAVLQSSGLYSLSSVVTVPSSSLGTQTYICNVNHKPSNTKVDKKVEPKSCDKT
HTCPPCPAPELLGGPSVFLFPPKPKDTLMISRTPEVTCVVVDVSHEDPEVKFNWYVDGVEVHNAKTKPREEQYNSTYRVV
SVLTVLHQDWLNGKEYKCKVSNKALPAPIEKTISKAKGQPREPQVYTLPPSRDELTKNQVSLTCLVKGFYPSDIAVEWES
NGQPENNYKTTPPVLDSDGSFFLYSKLTVDKSRWQQGNVFSCSVMHEALHNHYTQKSLSLSPGK
;
A
2 'polypeptide(L)'
;TGVHCAIRMTQSPSTLSASVGDRVTITCRASQSINTWLAWYQQKPGKAPNLLISKASSLESGVPSRFSGSGSGTEFTLTI
SSLQPDDFATYFCQQYNSYLYTFGQGTKVEIRRTVAAPSVFIFPPSDEQLKSGTASVVCLLNNFYPREAKVQWKVDNALQ
SGNSQESVTEQDSKDSTYSLSSTLTLSKADYEKHKVYACEVTHQGLSSPVTKSFNRGEC
;
B
#
# COMPACT_ATOMS: atom_id res chain seq x y z
N GLN A 6 -15.33 -23.84 5.21
CA GLN A 6 -14.43 -24.16 4.11
C GLN A 6 -14.87 -23.55 2.77
N VAL A 7 -15.91 -22.66 2.78
CA VAL A 7 -16.42 -21.95 1.60
C VAL A 7 -15.34 -20.92 1.20
N GLN A 8 -14.76 -21.07 -0.01
CA GLN A 8 -13.70 -20.18 -0.51
C GLN A 8 -13.51 -20.18 -2.04
N LEU A 9 -12.90 -19.09 -2.54
CA LEU A 9 -12.54 -18.86 -3.94
C LEU A 9 -11.03 -18.71 -4.00
N VAL A 10 -10.35 -19.47 -4.89
CA VAL A 10 -8.89 -19.48 -5.03
C VAL A 10 -8.54 -18.98 -6.44
N GLN A 11 -7.76 -17.89 -6.51
CA GLN A 11 -7.34 -17.27 -7.78
C GLN A 11 -5.93 -17.70 -8.19
N SER A 12 -5.59 -17.51 -9.48
CA SER A 12 -4.26 -17.76 -10.06
C SER A 12 -3.24 -16.69 -9.61
N GLY A 13 -1.94 -16.96 -9.80
CA GLY A 13 -0.84 -16.10 -9.35
C GLY A 13 -0.57 -14.82 -10.14
N ALA A 14 0.24 -13.91 -9.54
CA ALA A 14 0.65 -12.60 -10.08
C ALA A 14 1.10 -12.67 -11.53
N GLU A 15 0.76 -11.63 -12.32
CA GLU A 15 1.15 -11.55 -13.73
C GLU A 15 1.80 -10.20 -14.06
N VAL A 16 2.74 -10.23 -15.03
CA VAL A 16 3.45 -9.05 -15.53
C VAL A 16 3.26 -9.03 -17.07
N LYS A 17 2.68 -7.93 -17.59
CA LYS A 17 2.33 -7.80 -19.01
C LYS A 17 2.80 -6.50 -19.62
N LYS A 18 3.02 -6.52 -20.92
CA LYS A 18 3.44 -5.35 -21.69
C LYS A 18 2.19 -4.62 -22.24
N PRO A 19 2.21 -3.27 -22.45
CA PRO A 19 1.03 -2.60 -23.06
C PRO A 19 0.68 -3.20 -24.43
N GLY A 20 -0.62 -3.38 -24.68
CA GLY A 20 -1.13 -3.96 -25.90
C GLY A 20 -1.39 -5.45 -25.80
N ALA A 21 -0.83 -6.10 -24.78
CA ALA A 21 -1.02 -7.54 -24.56
C ALA A 21 -2.36 -7.82 -23.85
N SER A 22 -2.65 -9.09 -23.59
CA SER A 22 -3.87 -9.50 -22.90
C SER A 22 -3.52 -10.38 -21.68
N VAL A 23 -4.42 -10.47 -20.69
CA VAL A 23 -4.23 -11.24 -19.45
C VAL A 23 -5.45 -12.11 -19.15
N ARG A 24 -5.22 -13.33 -18.59
CA ARG A 24 -6.28 -14.26 -18.19
C ARG A 24 -6.12 -14.67 -16.74
N VAL A 25 -7.19 -14.49 -15.94
CA VAL A 25 -7.22 -14.80 -14.51
C VAL A 25 -8.34 -15.83 -14.22
N SER A 26 -8.04 -16.86 -13.42
CA SER A 26 -8.99 -17.94 -13.04
C SER A 26 -9.41 -17.80 -11.55
N CYS A 27 -10.57 -18.34 -11.21
CA CYS A 27 -11.18 -18.26 -9.88
C CYS A 27 -11.84 -19.62 -9.56
N LYS A 28 -11.23 -20.44 -8.69
CA LYS A 28 -11.75 -21.77 -8.36
C LYS A 28 -12.54 -21.81 -7.06
N ALA A 29 -13.83 -22.17 -7.17
CA ALA A 29 -14.79 -22.29 -6.07
C ALA A 29 -14.64 -23.61 -5.31
N SER A 30 -14.97 -23.61 -4.01
CA SER A 30 -14.88 -24.77 -3.13
C SER A 30 -15.81 -24.62 -1.90
N GLY A 31 -16.36 -25.75 -1.46
CA GLY A 31 -17.24 -25.81 -0.29
C GLY A 31 -18.65 -25.30 -0.48
N TYR A 32 -19.10 -25.12 -1.75
CA TYR A 32 -20.44 -24.63 -2.09
C TYR A 32 -20.83 -25.01 -3.53
N THR A 33 -22.14 -24.92 -3.86
CA THR A 33 -22.67 -25.23 -5.19
C THR A 33 -22.47 -24.04 -6.15
N PHE A 34 -21.43 -24.11 -7.00
CA PHE A 34 -21.04 -23.09 -7.97
C PHE A 34 -22.19 -22.65 -8.90
N THR A 35 -22.99 -23.62 -9.39
CA THR A 35 -24.10 -23.40 -10.32
C THR A 35 -25.29 -22.62 -9.70
N SER A 36 -25.34 -22.46 -8.37
CA SER A 36 -26.49 -21.76 -7.75
C SER A 36 -26.18 -20.32 -7.32
N TYR A 37 -25.02 -19.78 -7.76
CA TYR A 37 -24.59 -18.41 -7.44
C TYR A 37 -23.97 -17.72 -8.65
N GLY A 38 -23.90 -16.39 -8.58
CA GLY A 38 -23.24 -15.56 -9.57
C GLY A 38 -21.82 -15.23 -9.12
N ILE A 39 -21.00 -14.66 -10.02
CA ILE A 39 -19.61 -14.29 -9.75
C ILE A 39 -19.36 -12.88 -10.28
N SER A 40 -18.88 -11.95 -9.43
CA SER A 40 -18.52 -10.60 -9.89
C SER A 40 -17.01 -10.44 -9.90
N TRP A 41 -16.49 -9.60 -10.83
CA TRP A 41 -15.06 -9.27 -10.90
C TRP A 41 -14.88 -7.78 -10.59
N VAL A 42 -14.00 -7.46 -9.63
CA VAL A 42 -13.73 -6.07 -9.19
C VAL A 42 -12.21 -5.84 -9.05
N ARG A 43 -11.72 -4.68 -9.51
CA ARG A 43 -10.29 -4.36 -9.44
C ARG A 43 -10.02 -3.15 -8.54
N GLN A 44 -8.78 -3.06 -8.01
CA GLN A 44 -8.33 -1.99 -7.13
C GLN A 44 -6.92 -1.53 -7.54
N ALA A 45 -6.81 -0.32 -8.12
CA ALA A 45 -5.54 0.29 -8.57
C ALA A 45 -4.72 0.80 -7.34
N PRO A 46 -3.36 0.89 -7.43
CA PRO A 46 -2.57 1.31 -6.25
C PRO A 46 -3.05 2.59 -5.57
N GLY A 47 -3.34 2.49 -4.27
CA GLY A 47 -3.85 3.58 -3.43
C GLY A 47 -5.18 4.16 -3.87
N GLN A 48 -6.05 3.34 -4.50
CA GLN A 48 -7.36 3.79 -5.00
C GLN A 48 -8.51 2.93 -4.49
N GLY A 49 -9.72 3.36 -4.80
CA GLY A 49 -10.95 2.64 -4.44
C GLY A 49 -11.26 1.50 -5.40
N LEU A 50 -12.35 0.78 -5.13
CA LEU A 50 -12.73 -0.38 -5.95
C LEU A 50 -13.59 -0.01 -7.14
N GLU A 51 -13.37 -0.74 -8.26
CA GLU A 51 -14.09 -0.57 -9.53
C GLU A 51 -14.70 -1.91 -9.93
N TRP A 52 -16.03 -1.93 -10.15
CA TRP A 52 -16.72 -3.15 -10.60
C TRP A 52 -16.48 -3.31 -12.11
N MET A 53 -16.09 -4.53 -12.54
CA MET A 53 -15.79 -4.88 -13.94
C MET A 53 -16.92 -5.60 -14.67
N GLY A 54 -17.59 -6.50 -13.97
CA GLY A 54 -18.66 -7.30 -14.55
C GLY A 54 -19.14 -8.44 -13.69
N TRP A 55 -20.22 -9.11 -14.13
CA TRP A 55 -20.89 -10.22 -13.45
C TRP A 55 -21.20 -11.36 -14.43
N ILE A 56 -21.14 -12.61 -13.94
CA ILE A 56 -21.47 -13.82 -14.68
C ILE A 56 -22.22 -14.82 -13.79
N SER A 57 -23.28 -15.45 -14.35
CA SER A 57 -24.08 -16.47 -13.68
C SER A 57 -23.38 -17.84 -13.75
N GLY A 58 -23.25 -18.49 -12.60
CA GLY A 58 -22.70 -19.84 -12.51
C GLY A 58 -23.68 -20.86 -13.05
N TYR A 59 -24.96 -20.45 -13.19
CA TYR A 59 -26.07 -21.24 -13.70
C TYR A 59 -26.18 -21.11 -15.24
N ASP A 60 -26.52 -19.90 -15.70
CA ASP A 60 -26.80 -19.51 -17.09
C ASP A 60 -25.57 -19.20 -17.97
N GLY A 61 -24.52 -18.66 -17.37
CA GLY A 61 -23.33 -18.23 -18.10
C GLY A 61 -23.54 -16.87 -18.73
N ASN A 62 -24.74 -16.26 -18.53
CA ASN A 62 -25.07 -14.93 -19.05
C ASN A 62 -24.27 -13.88 -18.29
N THR A 63 -23.91 -12.79 -18.99
CA THR A 63 -23.03 -11.74 -18.48
C THR A 63 -23.64 -10.34 -18.54
N ASN A 64 -23.07 -9.44 -17.72
CA ASN A 64 -23.37 -8.01 -17.66
C ASN A 64 -22.05 -7.30 -17.40
N TYR A 65 -21.53 -6.61 -18.42
CA TYR A 65 -20.26 -5.89 -18.33
C TYR A 65 -20.48 -4.40 -18.11
N ALA A 66 -19.53 -3.75 -17.40
CA ALA A 66 -19.51 -2.32 -17.16
C ALA A 66 -19.21 -1.64 -18.51
N GLN A 67 -19.87 -0.51 -18.80
CA GLN A 67 -19.77 0.25 -20.04
C GLN A 67 -18.34 0.57 -20.46
N LYS A 68 -17.52 1.03 -19.52
CA LYS A 68 -16.11 1.38 -19.72
C LYS A 68 -15.29 0.21 -20.31
N LEU A 69 -15.50 -1.01 -19.81
CA LEU A 69 -14.74 -2.18 -20.22
C LEU A 69 -15.37 -3.02 -21.34
N GLN A 70 -16.62 -2.68 -21.76
CA GLN A 70 -17.36 -3.37 -22.83
C GLN A 70 -16.51 -3.50 -24.10
N GLY A 71 -16.45 -4.72 -24.63
CA GLY A 71 -15.66 -5.04 -25.81
C GLY A 71 -14.21 -5.39 -25.54
N ARG A 72 -13.69 -4.98 -24.37
CA ARG A 72 -12.31 -5.21 -23.94
C ARG A 72 -12.18 -6.40 -22.96
N VAL A 73 -13.25 -6.69 -22.20
CA VAL A 73 -13.33 -7.77 -21.21
C VAL A 73 -14.27 -8.91 -21.66
N THR A 74 -13.94 -10.15 -21.26
CA THR A 74 -14.76 -11.34 -21.50
C THR A 74 -14.67 -12.19 -20.22
N MET A 75 -15.82 -12.66 -19.75
CA MET A 75 -15.94 -13.55 -18.60
C MET A 75 -16.55 -14.85 -19.03
N THR A 76 -15.98 -15.97 -18.57
CA THR A 76 -16.47 -17.31 -18.90
C THR A 76 -16.58 -18.15 -17.64
N THR A 77 -17.19 -19.32 -17.78
CA THR A 77 -17.35 -20.24 -16.67
C THR A 77 -17.14 -21.68 -17.16
N ASP A 78 -16.67 -22.54 -16.25
CA ASP A 78 -16.53 -23.98 -16.46
C ASP A 78 -17.25 -24.71 -15.30
N THR A 79 -18.54 -25.03 -15.51
CA THR A 79 -19.42 -25.69 -14.55
C THR A 79 -18.97 -27.11 -14.13
N SER A 80 -18.02 -27.72 -14.89
CA SER A 80 -17.49 -29.06 -14.59
C SER A 80 -16.37 -29.00 -13.54
N THR A 81 -15.55 -27.92 -13.56
CA THR A 81 -14.42 -27.74 -12.66
C THR A 81 -14.68 -26.66 -11.59
N SER A 82 -15.91 -26.07 -11.56
CA SER A 82 -16.36 -25.01 -10.65
C SER A 82 -15.39 -23.82 -10.67
N THR A 83 -15.07 -23.36 -11.90
CA THR A 83 -14.11 -22.28 -12.13
C THR A 83 -14.69 -21.18 -13.04
N ALA A 84 -14.41 -19.93 -12.65
CA ALA A 84 -14.77 -18.71 -13.38
C ALA A 84 -13.47 -18.11 -13.93
N TYR A 85 -13.53 -17.56 -15.15
CA TYR A 85 -12.37 -16.97 -15.83
C TYR A 85 -12.64 -15.53 -16.28
N MET A 86 -11.60 -14.69 -16.29
CA MET A 86 -11.69 -13.32 -16.76
C MET A 86 -10.50 -13.03 -17.66
N GLU A 87 -10.77 -12.42 -18.83
CA GLU A 87 -9.75 -12.00 -19.80
C GLU A 87 -9.88 -10.49 -20.04
N LEU A 88 -8.76 -9.76 -19.93
CA LEU A 88 -8.70 -8.33 -20.22
C LEU A 88 -7.72 -8.12 -21.39
N ARG A 89 -8.21 -7.57 -22.52
CA ARG A 89 -7.39 -7.34 -23.74
C ARG A 89 -6.94 -5.88 -23.90
N SER A 90 -6.02 -5.62 -24.86
CA SER A 90 -5.47 -4.28 -25.17
C SER A 90 -5.02 -3.55 -23.89
N LEU A 91 -4.22 -4.25 -23.06
CA LEU A 91 -3.74 -3.75 -21.77
C LEU A 91 -3.02 -2.41 -21.88
N ARG A 92 -3.23 -1.52 -20.91
CA ARG A 92 -2.54 -0.24 -20.80
C ARG A 92 -2.10 -0.02 -19.35
N SER A 93 -1.05 0.80 -19.13
CA SER A 93 -0.46 1.11 -17.82
C SER A 93 -1.48 1.30 -16.68
N ASP A 94 -2.60 2.01 -16.94
CA ASP A 94 -3.64 2.27 -15.94
C ASP A 94 -4.46 1.03 -15.55
N ASP A 95 -4.25 -0.11 -16.24
CA ASP A 95 -4.90 -1.38 -15.89
C ASP A 95 -4.12 -2.07 -14.74
N THR A 96 -2.96 -1.50 -14.29
CA THR A 96 -2.15 -2.03 -13.18
C THR A 96 -3.05 -2.02 -11.93
N ALA A 97 -3.33 -3.21 -11.34
CA ALA A 97 -4.26 -3.33 -10.21
C ALA A 97 -4.26 -4.73 -9.59
N VAL A 98 -4.99 -4.86 -8.49
CA VAL A 98 -5.26 -6.14 -7.86
C VAL A 98 -6.69 -6.51 -8.34
N TYR A 99 -6.84 -7.68 -8.98
CA TYR A 99 -8.11 -8.19 -9.52
C TYR A 99 -8.72 -9.22 -8.56
N TYR A 100 -10.00 -9.02 -8.18
CA TYR A 100 -10.75 -9.89 -7.28
C TYR A 100 -11.98 -10.49 -7.95
N CYS A 101 -12.28 -11.74 -7.58
CA CYS A 101 -13.53 -12.39 -7.92
C CYS A 101 -14.28 -12.54 -6.59
N ALA A 102 -15.61 -12.44 -6.61
CA ALA A 102 -16.45 -12.58 -5.43
C ALA A 102 -17.77 -13.24 -5.77
N ARG A 103 -18.27 -14.11 -4.86
CA ARG A 103 -19.57 -14.80 -5.00
C ARG A 103 -20.62 -13.69 -4.90
N ASP A 104 -21.53 -13.60 -5.88
CA ASP A 104 -22.48 -12.50 -5.89
C ASP A 104 -23.94 -12.88 -6.25
N GLY A 105 -24.69 -13.33 -5.23
CA GLY A 105 -26.12 -13.59 -5.33
C GLY A 105 -26.62 -14.99 -5.67
N PRO A 106 -27.47 -15.58 -4.79
CA PRO A 106 -28.06 -16.89 -5.13
C PRO A 106 -28.99 -16.77 -6.34
N GLN A 107 -28.95 -17.76 -7.25
CA GLN A 107 -29.75 -17.74 -8.47
C GLN A 107 -31.08 -18.48 -8.34
N GLN A 114 -36.23 -9.38 -8.40
CA GLN A 114 -35.99 -9.74 -7.01
C GLN A 114 -34.52 -9.47 -6.64
N VAL A 115 -34.13 -8.18 -6.74
CA VAL A 115 -32.81 -7.64 -6.40
C VAL A 115 -33.02 -6.79 -5.13
N TYR A 116 -34.30 -6.80 -4.67
CA TYR A 116 -34.85 -6.16 -3.48
C TYR A 116 -34.20 -6.73 -2.23
N TYR A 117 -33.85 -8.03 -2.23
CA TYR A 117 -33.18 -8.74 -1.13
C TYR A 117 -31.73 -9.08 -1.55
N TYR A 118 -30.94 -8.06 -1.93
CA TYR A 118 -29.55 -8.22 -2.36
C TYR A 118 -28.70 -8.80 -1.22
N TYR A 119 -28.11 -9.99 -1.46
CA TYR A 119 -27.31 -10.71 -0.46
C TYR A 119 -25.90 -10.13 -0.23
N GLY A 120 -25.36 -9.44 -1.23
CA GLY A 120 -24.03 -8.83 -1.14
C GLY A 120 -22.92 -9.73 -1.68
N MET A 121 -21.70 -9.20 -1.75
CA MET A 121 -20.55 -9.99 -2.19
C MET A 121 -19.95 -10.58 -0.92
N ASP A 122 -20.39 -11.82 -0.58
CA ASP A 122 -20.12 -12.47 0.71
C ASP A 122 -18.85 -13.34 0.81
N VAL A 123 -18.31 -13.81 -0.31
CA VAL A 123 -17.08 -14.63 -0.34
C VAL A 123 -16.15 -14.02 -1.37
N TRP A 124 -14.86 -13.82 -1.03
CA TRP A 124 -13.86 -13.20 -1.88
C TRP A 124 -12.62 -14.04 -2.11
N GLY A 125 -12.05 -13.92 -3.31
CA GLY A 125 -10.78 -14.55 -3.66
C GLY A 125 -9.64 -13.76 -3.00
N GLN A 126 -8.43 -14.32 -2.99
CA GLN A 126 -7.30 -13.65 -2.34
C GLN A 126 -6.77 -12.44 -3.13
N GLY A 127 -7.23 -12.31 -4.38
CA GLY A 127 -6.80 -11.26 -5.30
C GLY A 127 -5.63 -11.69 -6.14
N THR A 128 -5.50 -11.09 -7.33
CA THR A 128 -4.44 -11.36 -8.31
C THR A 128 -3.83 -10.03 -8.74
N THR A 129 -2.53 -9.86 -8.50
CA THR A 129 -1.86 -8.62 -8.91
C THR A 129 -1.49 -8.69 -10.40
N VAL A 130 -1.86 -7.65 -11.16
CA VAL A 130 -1.50 -7.57 -12.58
C VAL A 130 -0.75 -6.24 -12.78
N THR A 131 0.54 -6.31 -13.20
CA THR A 131 1.36 -5.12 -13.46
C THR A 131 1.45 -4.94 -14.99
N VAL A 132 1.10 -3.74 -15.50
CA VAL A 132 1.20 -3.44 -16.94
C VAL A 132 2.27 -2.38 -17.12
N SER A 133 3.35 -2.73 -17.83
CA SER A 133 4.51 -1.85 -18.01
C SER A 133 5.38 -2.25 -19.18
N SER A 134 6.11 -1.27 -19.77
CA SER A 134 7.08 -1.46 -20.85
C SER A 134 8.48 -1.82 -20.29
N ALA A 135 8.67 -1.71 -18.95
CA ALA A 135 9.95 -2.05 -18.28
C ALA A 135 10.26 -3.54 -18.35
N SER A 136 11.56 -3.89 -18.28
CA SER A 136 12.00 -5.28 -18.26
C SER A 136 12.38 -5.66 -16.83
N THR A 137 12.33 -6.96 -16.49
CA THR A 137 12.70 -7.46 -15.16
C THR A 137 14.15 -7.02 -14.81
N LYS A 138 14.35 -6.51 -13.58
CA LYS A 138 15.65 -6.03 -13.11
C LYS A 138 15.70 -6.19 -11.60
N GLY A 139 16.77 -6.82 -11.13
CA GLY A 139 17.02 -6.99 -9.70
C GLY A 139 17.46 -5.68 -9.08
N PRO A 140 17.32 -5.51 -7.75
CA PRO A 140 17.66 -4.21 -7.15
C PRO A 140 19.16 -3.95 -6.97
N SER A 141 19.52 -2.66 -6.84
CA SER A 141 20.85 -2.14 -6.52
C SER A 141 20.75 -1.83 -5.01
N VAL A 142 21.55 -2.51 -4.17
CA VAL A 142 21.44 -2.37 -2.70
C VAL A 142 22.60 -1.52 -2.15
N PHE A 143 22.28 -0.29 -1.71
CA PHE A 143 23.27 0.63 -1.16
C PHE A 143 23.14 0.80 0.35
N PRO A 144 24.26 0.90 1.12
CA PRO A 144 24.12 1.06 2.58
C PRO A 144 23.73 2.49 2.99
N LEU A 145 22.96 2.65 4.07
CA LEU A 145 22.63 3.97 4.66
C LEU A 145 23.34 3.92 6.02
N ALA A 146 24.61 4.31 6.01
CA ALA A 146 25.53 4.21 7.15
C ALA A 146 25.15 5.06 8.36
N PRO A 147 25.26 4.49 9.60
CA PRO A 147 25.03 5.34 10.79
C PRO A 147 26.24 6.28 10.96
N SER A 148 25.97 7.55 11.23
CA SER A 148 27.01 8.58 11.41
C SER A 148 26.47 9.62 12.40
N SER A 149 27.23 10.71 12.65
CA SER A 149 26.77 11.78 13.55
C SER A 149 25.48 12.46 13.04
N LYS A 150 25.28 12.49 11.72
CA LYS A 150 24.08 13.05 11.05
C LYS A 150 22.82 12.16 11.22
N SER A 151 23.02 10.89 11.61
CA SER A 151 21.90 9.97 11.86
C SER A 151 21.98 9.40 13.31
N THR A 152 22.50 10.22 14.25
CA THR A 152 22.64 9.89 15.66
C THR A 152 22.27 11.09 16.53
N SER A 153 21.42 10.85 17.54
CA SER A 153 21.01 11.86 18.53
C SER A 153 20.77 11.12 19.85
N GLY A 154 21.58 11.48 20.84
CA GLY A 154 21.58 10.84 22.17
C GLY A 154 22.18 9.46 22.07
N GLY A 155 21.48 8.49 22.64
CA GLY A 155 21.89 7.10 22.56
C GLY A 155 21.20 6.36 21.44
N THR A 156 20.57 7.09 20.47
CA THR A 156 19.88 6.46 19.33
C THR A 156 20.51 6.77 17.98
N ALA A 157 20.90 5.70 17.23
CA ALA A 157 21.43 5.78 15.88
C ALA A 157 20.47 5.11 14.90
N ALA A 158 20.28 5.72 13.74
CA ALA A 158 19.46 5.17 12.68
C ALA A 158 20.40 4.66 11.57
N LEU A 159 20.05 3.55 10.90
CA LEU A 159 20.81 2.98 9.79
C LEU A 159 19.85 2.23 8.87
N GLY A 160 20.31 1.85 7.70
CA GLY A 160 19.44 1.14 6.78
C GLY A 160 20.05 0.76 5.43
N CYS A 161 19.16 0.38 4.49
CA CYS A 161 19.54 0.00 3.14
C CYS A 161 18.60 0.64 2.14
N LEU A 162 19.19 1.17 1.05
CA LEU A 162 18.42 1.74 -0.05
C LEU A 162 18.37 0.64 -1.16
N VAL A 163 17.17 0.11 -1.42
CA VAL A 163 16.86 -0.99 -2.37
C VAL A 163 16.29 -0.29 -3.62
N LYS A 164 17.17 0.01 -4.56
CA LYS A 164 16.88 0.87 -5.70
C LYS A 164 16.82 0.22 -7.08
N ASP A 165 15.93 0.79 -7.92
CA ASP A 165 15.79 0.54 -9.35
C ASP A 165 15.52 -0.88 -9.74
N TYR A 166 14.46 -1.49 -9.15
CA TYR A 166 14.09 -2.86 -9.49
C TYR A 166 12.71 -2.89 -10.18
N PHE A 167 12.40 -4.02 -10.84
CA PHE A 167 11.12 -4.26 -11.51
C PHE A 167 10.90 -5.77 -11.70
N PRO A 168 9.68 -6.30 -11.46
CA PRO A 168 8.49 -5.66 -10.89
C PRO A 168 8.50 -5.75 -9.36
N GLU A 169 7.38 -5.34 -8.72
CA GLU A 169 7.20 -5.57 -7.28
C GLU A 169 6.94 -7.11 -7.13
N PRO A 170 7.18 -7.73 -5.95
CA PRO A 170 7.67 -7.15 -4.70
C PRO A 170 9.13 -7.54 -4.38
N VAL A 171 9.72 -6.88 -3.37
CA VAL A 171 11.00 -7.28 -2.74
C VAL A 171 10.67 -7.55 -1.27
N THR A 172 11.49 -8.35 -0.58
CA THR A 172 11.34 -8.55 0.87
C THR A 172 12.67 -8.15 1.52
N VAL A 173 12.61 -7.56 2.72
CA VAL A 173 13.79 -7.15 3.48
C VAL A 173 13.69 -7.67 4.90
N SER A 174 14.77 -8.30 5.40
CA SER A 174 14.89 -8.70 6.78
C SER A 174 16.23 -8.14 7.27
N TRP A 175 16.45 -8.14 8.59
CA TRP A 175 17.69 -7.68 9.22
C TRP A 175 18.28 -8.81 10.07
N ASN A 176 19.58 -9.09 9.86
CA ASN A 176 20.36 -10.14 10.55
C ASN A 176 19.64 -11.51 10.52
N SER A 177 19.15 -11.92 9.33
CA SER A 177 18.46 -13.22 9.10
C SER A 177 17.16 -13.39 9.91
N GLY A 178 16.53 -12.27 10.27
CA GLY A 178 15.28 -12.26 11.04
C GLY A 178 15.45 -12.14 12.53
N ALA A 179 16.72 -12.08 13.01
CA ALA A 179 17.02 -11.94 14.45
C ALA A 179 16.78 -10.50 14.95
N LEU A 180 16.73 -9.50 14.03
CA LEU A 180 16.46 -8.10 14.37
C LEU A 180 15.13 -7.66 13.76
N THR A 181 14.10 -7.45 14.61
CA THR A 181 12.77 -7.05 14.13
C THR A 181 12.25 -5.75 14.78
N SER A 182 12.65 -5.46 16.03
CA SER A 182 12.17 -4.24 16.70
C SER A 182 12.84 -2.98 16.16
N GLY A 183 12.06 -1.93 15.96
CA GLY A 183 12.55 -0.67 15.41
C GLY A 183 12.71 -0.64 13.89
N VAL A 184 12.38 -1.77 13.20
CA VAL A 184 12.49 -1.89 11.73
C VAL A 184 11.29 -1.26 11.05
N HIS A 185 11.55 -0.43 9.99
CA HIS A 185 10.53 0.16 9.14
C HIS A 185 10.94 -0.01 7.67
N THR A 186 10.20 -0.83 6.92
CA THR A 186 10.43 -1.04 5.50
C THR A 186 9.34 -0.24 4.79
N PHE A 187 9.74 0.83 4.09
CA PHE A 187 8.78 1.71 3.42
C PHE A 187 8.11 1.09 2.17
N PRO A 188 6.82 1.45 1.89
CA PRO A 188 6.19 1.01 0.63
C PRO A 188 6.98 1.60 -0.55
N ALA A 189 7.09 0.84 -1.65
CA ALA A 189 7.83 1.25 -2.85
C ALA A 189 7.16 2.43 -3.55
N VAL A 190 7.98 3.28 -4.19
CA VAL A 190 7.50 4.37 -5.03
C VAL A 190 7.89 3.98 -6.44
N LEU A 191 7.03 4.30 -7.41
CA LEU A 191 7.26 4.08 -8.84
C LEU A 191 7.88 5.34 -9.41
N GLN A 192 9.06 5.21 -10.02
CA GLN A 192 9.83 6.32 -10.60
C GLN A 192 9.47 6.52 -12.07
N SER A 193 9.85 7.69 -12.64
CA SER A 193 9.59 8.04 -14.05
C SER A 193 10.29 7.12 -15.02
N SER A 194 11.36 6.43 -14.58
CA SER A 194 12.07 5.40 -15.35
C SER A 194 11.20 4.10 -15.51
N GLY A 195 10.16 3.94 -14.69
CA GLY A 195 9.33 2.73 -14.65
C GLY A 195 9.89 1.69 -13.68
N LEU A 196 10.93 2.05 -12.94
CA LEU A 196 11.53 1.14 -11.94
C LEU A 196 11.07 1.57 -10.54
N TYR A 197 11.00 0.64 -9.58
CA TYR A 197 10.60 0.94 -8.18
C TYR A 197 11.82 1.20 -7.30
N SER A 198 11.60 1.86 -6.17
CA SER A 198 12.64 2.14 -5.18
C SER A 198 12.04 2.24 -3.77
N LEU A 199 12.78 1.74 -2.76
CA LEU A 199 12.43 1.85 -1.35
C LEU A 199 13.68 1.81 -0.45
N SER A 200 13.52 2.27 0.80
CA SER A 200 14.51 2.15 1.86
C SER A 200 13.90 1.33 2.98
N SER A 201 14.75 0.57 3.68
CA SER A 201 14.40 -0.17 4.90
C SER A 201 15.35 0.37 5.97
N VAL A 202 14.79 0.87 7.09
CA VAL A 202 15.58 1.48 8.17
C VAL A 202 15.38 0.77 9.51
N VAL A 203 16.28 1.04 10.48
CA VAL A 203 16.21 0.50 11.85
C VAL A 203 16.93 1.45 12.80
N THR A 204 16.37 1.64 14.01
CA THR A 204 16.99 2.44 15.04
C THR A 204 17.57 1.47 16.08
N VAL A 205 18.81 1.72 16.51
CA VAL A 205 19.57 0.88 17.45
C VAL A 205 20.29 1.78 18.49
N PRO A 206 20.80 1.22 19.63
CA PRO A 206 21.59 2.06 20.56
C PRO A 206 22.90 2.45 19.87
N SER A 207 23.29 3.74 19.96
CA SER A 207 24.52 4.24 19.35
C SER A 207 25.78 3.63 19.97
N SER A 208 25.67 3.10 21.20
CA SER A 208 26.77 2.45 21.93
C SER A 208 27.12 1.07 21.37
N SER A 209 26.23 0.46 20.57
CA SER A 209 26.40 -0.88 19.98
C SER A 209 27.21 -0.90 18.65
N LEU A 210 27.40 0.27 18.01
CA LEU A 210 27.98 0.41 16.65
C LEU A 210 29.38 -0.15 16.46
N GLY A 211 30.19 -0.12 17.49
CA GLY A 211 31.55 -0.64 17.42
C GLY A 211 31.69 -2.14 17.48
N THR A 212 30.71 -2.83 18.11
CA THR A 212 30.76 -4.28 18.33
C THR A 212 29.66 -5.12 17.67
N GLN A 213 28.50 -4.51 17.34
CA GLN A 213 27.38 -5.25 16.73
C GLN A 213 27.40 -5.15 15.21
N THR A 214 27.14 -6.27 14.50
CA THR A 214 27.07 -6.37 13.03
C THR A 214 25.63 -6.16 12.55
N TYR A 215 25.43 -5.28 11.55
CA TYR A 215 24.13 -5.00 10.93
C TYR A 215 24.16 -5.34 9.44
N ILE A 216 23.35 -6.34 9.03
CA ILE A 216 23.22 -6.83 7.65
C ILE A 216 21.75 -6.84 7.20
N CYS A 217 21.41 -6.24 6.04
CA CYS A 217 20.06 -6.32 5.50
C CYS A 217 20.02 -7.45 4.45
N ASN A 218 18.98 -8.30 4.51
CA ASN A 218 18.79 -9.43 3.59
C ASN A 218 17.69 -9.09 2.60
N VAL A 219 18.08 -8.84 1.35
CA VAL A 219 17.16 -8.41 0.29
C VAL A 219 16.87 -9.60 -0.66
N ASN A 220 15.57 -9.90 -0.86
CA ASN A 220 15.14 -10.96 -1.78
C ASN A 220 14.23 -10.39 -2.86
N HIS A 221 14.49 -10.74 -4.14
CA HIS A 221 13.67 -10.31 -5.27
C HIS A 221 13.50 -11.52 -6.15
N LYS A 222 12.44 -12.31 -5.87
CA LYS A 222 12.11 -13.55 -6.60
C LYS A 222 11.97 -13.37 -8.11
N PRO A 223 11.27 -12.34 -8.65
CA PRO A 223 11.15 -12.22 -10.13
C PRO A 223 12.47 -12.20 -10.90
N SER A 224 13.56 -11.63 -10.32
CA SER A 224 14.85 -11.60 -11.02
C SER A 224 15.82 -12.66 -10.52
N ASN A 225 15.40 -13.45 -9.50
CA ASN A 225 16.20 -14.46 -8.80
C ASN A 225 17.40 -13.81 -8.10
N THR A 226 17.18 -12.63 -7.51
CA THR A 226 18.23 -11.90 -6.81
C THR A 226 18.12 -12.05 -5.28
N LYS A 227 19.24 -12.35 -4.63
CA LYS A 227 19.36 -12.36 -3.17
C LYS A 227 20.62 -11.54 -2.87
N VAL A 228 20.53 -10.58 -1.93
CA VAL A 228 21.68 -9.73 -1.54
C VAL A 228 21.71 -9.61 -0.01
N ASP A 229 22.88 -9.86 0.61
CA ASP A 229 23.11 -9.65 2.04
C ASP A 229 24.17 -8.56 2.12
N LYS A 230 23.76 -7.35 2.55
CA LYS A 230 24.60 -6.16 2.63
C LYS A 230 24.93 -5.74 4.06
N LYS A 231 26.24 -5.73 4.39
CA LYS A 231 26.71 -5.27 5.67
C LYS A 231 26.70 -3.73 5.63
N VAL A 232 26.18 -3.11 6.70
CA VAL A 232 26.07 -1.66 6.84
C VAL A 232 27.01 -1.25 7.96
N GLU A 233 28.11 -0.60 7.59
CA GLU A 233 29.17 -0.19 8.52
C GLU A 233 29.10 1.28 8.93
N PRO A 234 29.44 1.64 10.19
CA PRO A 234 29.43 3.07 10.58
C PRO A 234 30.43 3.91 9.75
N LYS A 235 30.15 5.21 9.62
CA LYS A 235 30.92 6.19 8.84
C LYS A 235 31.29 7.41 9.73
N SER A 236 32.49 8.01 9.55
CA SER A 236 32.89 9.20 10.33
C SER A 236 32.54 10.51 9.61
N CYS A 237 31.56 11.27 10.17
CA CYS A 237 30.99 12.54 9.70
C CYS A 237 30.50 12.48 8.26
N PRO B 13 -9.12 7.98 -0.24
CA PRO B 13 -9.88 7.59 0.96
C PRO B 13 -9.81 8.61 2.10
N SER B 14 -10.99 9.11 2.54
CA SER B 14 -11.18 10.07 3.63
C SER B 14 -10.73 9.46 4.96
N THR B 15 -10.25 10.28 5.94
CA THR B 15 -9.72 9.78 7.22
C THR B 15 -10.43 10.33 8.45
N LEU B 16 -10.70 9.44 9.43
CA LEU B 16 -11.33 9.77 10.70
C LEU B 16 -10.44 9.27 11.84
N SER B 17 -10.08 10.15 12.80
CA SER B 17 -9.23 9.82 13.95
C SER B 17 -10.13 9.50 15.15
N ALA B 18 -10.13 8.24 15.61
CA ALA B 18 -11.01 7.79 16.68
C ALA B 18 -10.35 6.99 17.80
N SER B 19 -11.03 6.87 18.95
CA SER B 19 -10.52 6.10 20.08
C SER B 19 -11.31 4.80 20.20
N VAL B 20 -10.69 3.74 20.76
CA VAL B 20 -11.36 2.45 21.06
C VAL B 20 -12.52 2.78 22.01
N GLY B 21 -13.71 2.28 21.68
CA GLY B 21 -14.91 2.53 22.48
C GLY B 21 -15.83 3.61 21.93
N ASP B 22 -15.35 4.45 20.98
CA ASP B 22 -16.18 5.52 20.39
C ASP B 22 -17.28 4.96 19.48
N ARG B 23 -18.40 5.68 19.43
CA ARG B 23 -19.47 5.40 18.50
C ARG B 23 -19.13 6.16 17.20
N VAL B 24 -19.29 5.51 16.03
CA VAL B 24 -18.99 6.07 14.68
C VAL B 24 -20.18 5.87 13.72
N THR B 25 -20.56 6.95 12.98
CA THR B 25 -21.62 6.94 11.98
C THR B 25 -21.02 7.40 10.65
N ILE B 26 -21.09 6.51 9.63
CA ILE B 26 -20.55 6.77 8.28
C ILE B 26 -21.73 6.86 7.31
N THR B 27 -21.85 7.97 6.59
CA THR B 27 -22.94 8.20 5.65
C THR B 27 -22.52 7.78 4.23
N CYS B 28 -23.45 7.11 3.52
CA CYS B 28 -23.26 6.71 2.13
C CYS B 28 -23.72 7.89 1.24
N ARG B 29 -22.76 8.49 0.51
CA ARG B 29 -22.97 9.60 -0.45
C ARG B 29 -24.01 9.24 -1.51
N ASN B 35 -34.63 3.71 -3.30
CA ASN B 35 -33.31 3.68 -2.67
C ASN B 35 -32.33 2.83 -3.48
N THR B 36 -31.09 3.32 -3.61
CA THR B 36 -30.05 2.65 -4.40
C THR B 36 -28.99 1.88 -3.57
N TRP B 37 -29.08 1.94 -2.22
CA TRP B 37 -28.10 1.27 -1.35
C TRP B 37 -28.26 -0.25 -1.33
N LEU B 38 -27.11 -0.96 -1.40
CA LEU B 38 -27.05 -2.42 -1.43
C LEU B 38 -26.33 -3.08 -0.26
N ALA B 39 -25.14 -2.55 0.12
CA ALA B 39 -24.35 -3.16 1.19
C ALA B 39 -23.24 -2.26 1.75
N TRP B 40 -22.65 -2.69 2.89
CA TRP B 40 -21.49 -2.08 3.53
C TRP B 40 -20.37 -3.13 3.64
N TYR B 41 -19.13 -2.70 3.38
CA TYR B 41 -17.94 -3.56 3.43
C TYR B 41 -16.88 -2.94 4.32
N GLN B 42 -15.95 -3.79 4.81
CA GLN B 42 -14.80 -3.44 5.61
C GLN B 42 -13.56 -3.96 4.88
N GLN B 43 -12.47 -3.17 4.82
CA GLN B 43 -11.23 -3.62 4.18
C GLN B 43 -10.02 -3.23 5.02
N LYS B 44 -9.24 -4.24 5.44
CA LYS B 44 -8.00 -4.07 6.22
C LYS B 44 -6.82 -3.91 5.22
N PRO B 45 -5.69 -3.27 5.59
CA PRO B 45 -4.59 -3.08 4.62
C PRO B 45 -3.99 -4.41 4.17
N GLY B 46 -3.75 -4.52 2.86
CA GLY B 46 -3.20 -5.71 2.21
C GLY B 46 -4.16 -6.87 2.07
N LYS B 47 -5.42 -6.70 2.52
CA LYS B 47 -6.43 -7.76 2.50
C LYS B 47 -7.65 -7.47 1.61
N ALA B 48 -8.38 -8.52 1.20
CA ALA B 48 -9.60 -8.41 0.39
C ALA B 48 -10.77 -7.85 1.28
N PRO B 49 -11.81 -7.19 0.69
CA PRO B 49 -12.92 -6.70 1.52
C PRO B 49 -13.75 -7.82 2.15
N ASN B 50 -14.43 -7.50 3.27
CA ASN B 50 -15.33 -8.38 4.03
C ASN B 50 -16.71 -7.72 4.04
N LEU B 51 -17.77 -8.50 3.74
CA LEU B 51 -19.14 -8.00 3.79
C LEU B 51 -19.54 -7.79 5.26
N LEU B 52 -20.21 -6.67 5.54
CA LEU B 52 -20.69 -6.33 6.88
C LEU B 52 -22.21 -6.49 6.97
N ILE B 53 -22.96 -5.79 6.09
CA ILE B 53 -24.44 -5.75 6.07
C ILE B 53 -24.91 -5.68 4.63
N SER B 54 -26.08 -6.29 4.34
CA SER B 54 -26.69 -6.27 3.01
C SER B 54 -28.19 -5.97 3.08
N LYS B 55 -28.86 -5.76 1.91
CA LYS B 55 -30.30 -5.51 1.78
C LYS B 55 -31.18 -6.67 2.26
N ALA B 56 -30.59 -7.88 2.38
CA ALA B 56 -31.24 -9.09 2.90
C ALA B 56 -31.55 -8.84 4.37
N SER B 57 -31.08 -7.67 4.86
CA SER B 57 -31.16 -7.16 6.23
C SER B 57 -30.39 -8.04 7.21
N SER B 58 -29.32 -8.68 6.71
CA SER B 58 -28.43 -9.51 7.52
C SER B 58 -27.41 -8.60 8.22
N LEU B 59 -27.37 -8.65 9.58
CA LEU B 59 -26.51 -7.86 10.48
C LEU B 59 -26.85 -6.38 10.52
N PRO B 64 -27.09 -10.71 16.93
CA PRO B 64 -26.82 -9.28 16.69
C PRO B 64 -25.34 -8.94 16.62
N SER B 65 -25.02 -7.65 16.32
CA SER B 65 -23.64 -7.15 16.25
C SER B 65 -23.59 -5.64 16.55
N ARG B 66 -22.37 -5.09 16.59
CA ARG B 66 -22.12 -3.67 16.83
C ARG B 66 -22.23 -2.85 15.54
N PHE B 67 -22.38 -3.55 14.38
CA PHE B 67 -22.51 -2.97 13.04
C PHE B 67 -23.97 -2.98 12.58
N SER B 68 -24.56 -1.80 12.37
CA SER B 68 -25.96 -1.74 11.92
C SER B 68 -26.20 -0.63 10.87
N GLY B 69 -27.13 -0.89 9.96
CA GLY B 69 -27.48 0.00 8.87
C GLY B 69 -28.75 0.82 9.06
N SER B 70 -29.46 0.60 10.17
CA SER B 70 -30.70 1.30 10.45
C SER B 70 -30.50 2.55 11.33
N GLY B 71 -29.89 3.58 10.75
CA GLY B 71 -29.64 4.85 11.41
C GLY B 71 -30.86 5.73 11.31
N SER B 72 -31.37 5.89 10.07
CA SER B 72 -32.58 6.65 9.72
C SER B 72 -33.02 6.45 8.27
N GLY B 73 -34.30 6.72 8.01
CA GLY B 73 -34.94 6.54 6.71
C GLY B 73 -34.75 7.63 5.67
N THR B 74 -33.67 8.44 5.77
CA THR B 74 -33.39 9.49 4.80
C THR B 74 -32.20 9.10 3.93
N GLU B 75 -31.03 8.90 4.56
CA GLU B 75 -29.77 8.50 3.92
C GLU B 75 -29.35 7.16 4.49
N PHE B 76 -28.51 6.43 3.75
CA PHE B 76 -28.03 5.16 4.25
C PHE B 76 -26.71 5.31 5.00
N THR B 77 -26.72 4.90 6.25
CA THR B 77 -25.56 5.04 7.15
C THR B 77 -25.15 3.68 7.72
N LEU B 78 -23.89 3.61 8.19
CA LEU B 78 -23.34 2.48 8.90
C LEU B 78 -22.98 3.01 10.28
N THR B 79 -23.50 2.38 11.34
CA THR B 79 -23.17 2.75 12.72
C THR B 79 -22.33 1.63 13.33
N ILE B 80 -21.18 1.99 13.94
CA ILE B 80 -20.33 1.09 14.74
C ILE B 80 -20.60 1.61 16.16
N SER B 81 -21.40 0.85 16.96
CA SER B 81 -21.86 1.24 18.30
C SER B 81 -20.71 1.56 19.28
N SER B 82 -19.60 0.82 19.17
CA SER B 82 -18.41 0.99 19.99
C SER B 82 -17.23 0.36 19.22
N LEU B 83 -16.24 1.18 18.79
CA LEU B 83 -15.07 0.68 18.04
C LEU B 83 -14.20 -0.25 18.88
N GLN B 84 -13.92 -1.44 18.34
CA GLN B 84 -13.09 -2.43 19.02
C GLN B 84 -11.65 -2.37 18.51
N PRO B 85 -10.64 -2.92 19.24
CA PRO B 85 -9.23 -2.81 18.74
C PRO B 85 -8.99 -3.34 17.32
N ASP B 86 -9.82 -4.29 16.84
CA ASP B 86 -9.72 -4.88 15.50
C ASP B 86 -10.63 -4.21 14.42
N ASP B 87 -11.27 -3.05 14.76
CA ASP B 87 -12.16 -2.30 13.84
C ASP B 87 -11.49 -1.18 13.03
N PHE B 88 -10.19 -0.93 13.27
CA PHE B 88 -9.48 0.13 12.57
C PHE B 88 -9.09 -0.36 11.14
N ALA B 89 -9.93 0.03 10.16
CA ALA B 89 -9.86 -0.36 8.74
C ALA B 89 -10.61 0.71 7.89
N THR B 90 -10.80 0.45 6.58
CA THR B 90 -11.55 1.39 5.76
C THR B 90 -12.90 0.75 5.39
N TYR B 91 -13.93 1.59 5.44
CA TYR B 91 -15.33 1.23 5.23
C TYR B 91 -15.88 1.94 4.00
N PHE B 92 -16.64 1.21 3.19
CA PHE B 92 -17.26 1.75 1.98
C PHE B 92 -18.57 1.05 1.68
N CYS B 93 -19.45 1.77 1.01
CA CYS B 93 -20.77 1.29 0.64
C CYS B 93 -20.79 0.89 -0.83
N GLN B 94 -21.76 0.03 -1.18
CA GLN B 94 -22.03 -0.42 -2.53
C GLN B 94 -23.42 0.10 -2.89
N GLN B 95 -23.56 0.67 -4.08
CA GLN B 95 -24.82 1.19 -4.62
C GLN B 95 -25.05 0.67 -6.05
N TYR B 96 -26.24 0.92 -6.61
CA TYR B 96 -26.57 0.52 -7.97
C TYR B 96 -27.21 1.66 -8.77
N ASN B 97 -27.09 1.59 -10.11
CA ASN B 97 -27.67 2.55 -11.06
C ASN B 97 -27.84 1.82 -12.40
N SER B 98 -29.07 1.31 -12.67
CA SER B 98 -29.47 0.57 -13.89
C SER B 98 -28.57 -0.67 -14.12
N TYR B 99 -28.53 -1.57 -13.12
CA TYR B 99 -27.69 -2.78 -13.03
C TYR B 99 -26.24 -2.50 -13.50
N LEU B 100 -25.59 -1.62 -12.74
CA LEU B 100 -24.21 -1.16 -12.86
C LEU B 100 -23.90 -0.75 -11.43
N TYR B 101 -23.03 -1.52 -10.75
CA TYR B 101 -22.66 -1.24 -9.37
C TYR B 101 -21.65 -0.11 -9.27
N THR B 102 -21.70 0.59 -8.15
CA THR B 102 -20.75 1.62 -7.81
C THR B 102 -20.34 1.45 -6.36
N PHE B 103 -19.07 1.68 -6.05
CA PHE B 103 -18.57 1.63 -4.68
C PHE B 103 -18.24 3.06 -4.28
N GLY B 104 -18.87 3.53 -3.22
CA GLY B 104 -18.64 4.86 -2.69
C GLY B 104 -17.22 4.98 -2.18
N GLN B 105 -16.70 6.20 -2.04
CA GLN B 105 -15.32 6.22 -1.54
C GLN B 105 -15.26 5.98 -0.04
N GLY B 106 -14.24 5.25 0.34
CA GLY B 106 -14.01 4.81 1.69
C GLY B 106 -13.66 5.84 2.72
N THR B 107 -13.96 5.47 3.98
CA THR B 107 -13.58 6.19 5.18
C THR B 107 -12.58 5.27 5.90
N LYS B 108 -11.34 5.73 6.03
CA LYS B 108 -10.31 5.04 6.78
C LYS B 108 -10.43 5.50 8.23
N VAL B 109 -10.55 4.55 9.16
CA VAL B 109 -10.61 4.90 10.59
C VAL B 109 -9.23 4.62 11.18
N GLU B 110 -8.52 5.66 11.64
CA GLU B 110 -7.20 5.46 12.24
C GLU B 110 -7.36 5.60 13.76
N ILE B 111 -6.37 5.14 14.54
CA ILE B 111 -6.47 5.27 15.98
C ILE B 111 -5.78 6.57 16.42
N ARG B 112 -6.51 7.34 17.22
CA ARG B 112 -6.07 8.61 17.78
C ARG B 112 -5.23 8.34 19.03
N ARG B 113 -4.14 9.10 19.21
CA ARG B 113 -3.20 8.99 20.32
C ARG B 113 -2.58 10.36 20.57
N THR B 114 -1.78 10.48 21.64
CA THR B 114 -1.12 11.74 22.01
C THR B 114 -0.12 12.13 20.92
N VAL B 115 0.06 13.46 20.73
CA VAL B 115 0.99 14.02 19.76
C VAL B 115 2.42 13.54 20.08
N ALA B 116 3.17 13.09 19.06
CA ALA B 116 4.56 12.66 19.17
C ALA B 116 5.32 13.29 18.01
N ALA B 117 6.35 14.07 18.32
CA ALA B 117 7.19 14.75 17.35
C ALA B 117 8.12 13.74 16.65
N PRO B 118 8.45 13.91 15.35
CA PRO B 118 9.39 12.96 14.72
C PRO B 118 10.84 13.13 15.17
N SER B 119 11.59 12.02 15.19
CA SER B 119 13.04 12.02 15.38
C SER B 119 13.53 12.11 13.93
N VAL B 120 14.41 13.07 13.62
CA VAL B 120 14.87 13.35 12.24
C VAL B 120 16.31 12.89 12.05
N PHE B 121 16.58 12.16 10.95
CA PHE B 121 17.92 11.63 10.63
C PHE B 121 18.20 11.86 9.14
N ILE B 122 19.47 12.16 8.78
CA ILE B 122 19.83 12.38 7.37
C ILE B 122 20.99 11.47 6.94
N PHE B 123 20.92 10.91 5.72
CA PHE B 123 21.93 10.04 5.16
C PHE B 123 22.45 10.60 3.84
N PRO B 124 23.72 11.07 3.78
CA PRO B 124 24.31 11.48 2.50
C PRO B 124 24.36 10.28 1.52
N PRO B 125 24.60 10.44 0.20
CA PRO B 125 24.72 9.22 -0.64
C PRO B 125 25.97 8.42 -0.28
N SER B 126 25.89 7.08 -0.32
CA SER B 126 27.07 6.26 -0.06
C SER B 126 28.05 6.44 -1.21
N ASP B 127 29.38 6.26 -0.97
CA ASP B 127 30.36 6.32 -2.04
C ASP B 127 30.13 5.21 -3.11
N GLU B 128 29.45 4.10 -2.72
CA GLU B 128 29.08 2.99 -3.62
C GLU B 128 28.11 3.50 -4.69
N GLN B 129 27.11 4.31 -4.28
CA GLN B 129 26.14 4.90 -5.21
C GLN B 129 26.80 5.98 -6.10
N LEU B 130 27.72 6.78 -5.51
CA LEU B 130 28.46 7.81 -6.25
C LEU B 130 29.36 7.25 -7.35
N LYS B 131 29.74 5.95 -7.27
CA LYS B 131 30.52 5.29 -8.33
C LYS B 131 29.66 5.20 -9.61
N SER B 132 28.36 4.86 -9.42
CA SER B 132 27.32 4.58 -10.42
C SER B 132 26.61 5.80 -11.09
N GLY B 133 27.13 7.03 -10.90
CA GLY B 133 26.59 8.24 -11.52
C GLY B 133 25.26 8.82 -11.05
N THR B 134 24.82 8.45 -9.83
CA THR B 134 23.55 8.95 -9.24
C THR B 134 23.80 9.27 -7.77
N ALA B 135 22.98 10.17 -7.19
CA ALA B 135 23.11 10.57 -5.80
C ALA B 135 21.74 10.75 -5.16
N SER B 136 21.43 9.89 -4.17
CA SER B 136 20.17 9.95 -3.43
C SER B 136 20.48 10.32 -1.99
N VAL B 137 19.80 11.34 -1.49
CA VAL B 137 19.95 11.84 -0.10
C VAL B 137 18.67 11.48 0.63
N VAL B 138 18.81 10.70 1.71
CA VAL B 138 17.65 10.20 2.45
C VAL B 138 17.46 10.94 3.77
N CYS B 139 16.24 11.47 3.95
CA CYS B 139 15.79 12.13 5.16
C CYS B 139 14.71 11.26 5.81
N LEU B 140 14.98 10.81 7.05
CA LEU B 140 14.06 9.95 7.80
C LEU B 140 13.37 10.70 8.94
N LEU B 141 12.02 10.59 9.00
CA LEU B 141 11.17 11.16 10.06
C LEU B 141 10.62 9.93 10.75
N ASN B 142 11.08 9.66 11.96
CA ASN B 142 10.69 8.45 12.64
C ASN B 142 9.69 8.60 13.81
N ASN B 143 8.71 7.65 13.88
CA ASN B 143 7.70 7.51 14.96
C ASN B 143 6.98 8.81 15.40
N PHE B 144 6.20 9.39 14.48
CA PHE B 144 5.42 10.61 14.77
C PHE B 144 3.89 10.41 14.69
N TYR B 145 3.15 11.36 15.29
CA TYR B 145 1.68 11.43 15.28
C TYR B 145 1.23 12.90 15.52
N PRO B 146 0.30 13.50 14.72
CA PRO B 146 -0.46 12.92 13.60
C PRO B 146 0.38 12.68 12.34
N ARG B 147 -0.21 12.04 11.30
CA ARG B 147 0.43 11.63 10.03
C ARG B 147 0.94 12.83 9.19
N GLU B 148 0.24 13.97 9.29
CA GLU B 148 0.53 15.21 8.58
C GLU B 148 1.86 15.81 9.06
N ALA B 149 2.85 15.80 8.19
CA ALA B 149 4.21 16.33 8.43
C ALA B 149 4.71 16.90 7.11
N LYS B 150 5.46 18.00 7.16
CA LYS B 150 6.02 18.62 5.94
C LYS B 150 7.55 18.55 5.93
N VAL B 151 8.12 18.19 4.77
CA VAL B 151 9.58 18.09 4.55
C VAL B 151 9.94 18.90 3.32
N GLN B 152 10.93 19.81 3.43
CA GLN B 152 11.39 20.62 2.30
C GLN B 152 12.89 20.52 2.18
N TRP B 153 13.41 20.45 0.94
CA TRP B 153 14.84 20.32 0.63
C TRP B 153 15.43 21.65 0.19
N LYS B 154 16.66 21.93 0.67
CA LYS B 154 17.45 23.10 0.29
C LYS B 154 18.83 22.60 -0.14
N VAL B 155 19.28 23.04 -1.32
CA VAL B 155 20.61 22.69 -1.85
C VAL B 155 21.34 24.03 -2.08
N ASP B 156 22.37 24.31 -1.23
CA ASP B 156 23.11 25.58 -1.19
C ASP B 156 22.15 26.73 -0.99
N ASN B 157 21.23 26.60 -0.01
CA ASN B 157 20.21 27.60 0.34
C ASN B 157 19.08 27.80 -0.72
N ALA B 158 19.04 26.97 -1.79
CA ALA B 158 17.99 27.05 -2.81
C ALA B 158 16.91 25.96 -2.59
N LEU B 159 15.66 26.39 -2.42
CA LEU B 159 14.52 25.48 -2.22
C LEU B 159 14.26 24.59 -3.43
N GLN B 160 14.01 23.30 -3.19
CA GLN B 160 13.85 22.34 -4.29
C GLN B 160 12.41 21.85 -4.43
N SER B 161 12.01 21.58 -5.66
CA SER B 161 10.72 20.96 -5.95
C SER B 161 10.76 20.13 -7.22
N GLY B 162 10.16 18.93 -7.18
CA GLY B 162 10.11 18.04 -8.32
C GLY B 162 11.23 17.03 -8.48
N ASN B 163 12.18 17.00 -7.55
CA ASN B 163 13.32 16.06 -7.63
C ASN B 163 13.41 15.17 -6.37
N SER B 164 12.32 15.09 -5.62
CA SER B 164 12.29 14.24 -4.43
C SER B 164 11.00 13.40 -4.40
N GLN B 165 11.04 12.29 -3.65
CA GLN B 165 9.91 11.37 -3.48
C GLN B 165 9.69 11.04 -2.01
N GLU B 166 8.42 10.91 -1.62
CA GLU B 166 8.00 10.56 -0.25
C GLU B 166 7.32 9.20 -0.19
N SER B 167 7.51 8.51 0.94
CA SER B 167 6.84 7.27 1.27
C SER B 167 6.50 7.29 2.77
N VAL B 168 5.28 6.83 3.15
CA VAL B 168 4.80 6.80 4.54
C VAL B 168 4.40 5.38 4.89
N THR B 169 4.77 4.92 6.09
CA THR B 169 4.36 3.57 6.51
C THR B 169 2.87 3.64 6.91
N GLU B 170 2.23 2.49 7.07
CA GLU B 170 0.87 2.41 7.58
C GLU B 170 1.02 2.61 9.09
N GLN B 171 -0.07 2.99 9.78
CA GLN B 171 -0.05 3.20 11.23
C GLN B 171 0.52 1.96 11.97
N ASP B 172 1.51 2.16 12.84
CA ASP B 172 2.15 1.07 13.57
C ASP B 172 1.15 0.31 14.49
N SER B 173 1.10 -1.03 14.34
CA SER B 173 0.19 -1.91 15.11
C SER B 173 0.51 -1.97 16.62
N LYS B 174 1.65 -1.40 17.04
CA LYS B 174 2.09 -1.39 18.44
C LYS B 174 2.03 0.00 19.10
N ASP B 175 2.62 1.05 18.48
CA ASP B 175 2.65 2.38 19.10
C ASP B 175 1.76 3.45 18.42
N SER B 176 1.01 3.06 17.37
CA SER B 176 0.07 3.90 16.59
C SER B 176 0.73 5.13 15.91
N THR B 177 2.05 5.09 15.68
CA THR B 177 2.74 6.21 15.03
C THR B 177 2.92 5.92 13.52
N TYR B 178 3.43 6.90 12.77
CA TYR B 178 3.78 6.80 11.36
C TYR B 178 5.28 7.12 11.26
N SER B 179 5.89 6.71 10.16
CA SER B 179 7.29 7.04 9.82
C SER B 179 7.30 7.43 8.34
N LEU B 180 8.20 8.34 7.97
CA LEU B 180 8.22 8.86 6.60
C LEU B 180 9.67 8.97 6.07
N SER B 181 9.87 8.65 4.77
CA SER B 181 11.15 8.85 4.12
C SER B 181 10.94 9.89 3.01
N SER B 182 11.85 10.86 2.91
CA SER B 182 11.89 11.82 1.79
C SER B 182 13.27 11.61 1.13
N THR B 183 13.29 11.19 -0.14
CA THR B 183 14.50 10.88 -0.90
C THR B 183 14.75 11.88 -2.05
N LEU B 184 15.81 12.73 -1.95
CA LEU B 184 16.18 13.68 -3.00
C LEU B 184 17.14 12.98 -3.97
N THR B 185 16.81 12.94 -5.28
CA THR B 185 17.71 12.28 -6.26
C THR B 185 18.22 13.27 -7.30
N LEU B 186 19.56 13.34 -7.44
CA LEU B 186 20.24 14.18 -8.43
C LEU B 186 21.19 13.29 -9.22
N SER B 187 21.73 13.80 -10.35
CA SER B 187 22.79 13.10 -11.08
C SER B 187 24.04 13.39 -10.27
N LYS B 188 25.06 12.52 -10.33
CA LYS B 188 26.33 12.73 -9.62
C LYS B 188 26.94 14.07 -10.00
N ALA B 189 26.89 14.41 -11.32
CA ALA B 189 27.41 15.67 -11.84
C ALA B 189 26.76 16.87 -11.17
N ASP B 190 25.42 16.86 -10.99
CA ASP B 190 24.70 17.93 -10.28
C ASP B 190 25.02 17.92 -8.81
N TYR B 191 25.11 16.71 -8.20
CA TYR B 191 25.42 16.55 -6.79
C TYR B 191 26.78 17.17 -6.43
N GLU B 192 27.81 16.98 -7.30
CA GLU B 192 29.15 17.52 -7.07
C GLU B 192 29.30 19.04 -7.34
N LYS B 193 28.30 19.68 -7.98
CA LYS B 193 28.35 21.12 -8.24
C LYS B 193 27.90 21.91 -7.00
N HIS B 194 27.46 21.20 -5.92
CA HIS B 194 26.93 21.85 -4.71
C HIS B 194 27.54 21.36 -3.39
N LYS B 195 27.45 22.19 -2.31
CA LYS B 195 28.03 21.89 -1.01
C LYS B 195 27.05 21.48 0.11
N VAL B 196 26.08 22.35 0.48
CA VAL B 196 25.20 22.14 1.62
C VAL B 196 23.88 21.47 1.22
N TYR B 197 23.54 20.37 1.92
CA TYR B 197 22.32 19.59 1.73
C TYR B 197 21.51 19.58 3.01
N ALA B 198 20.26 20.09 2.97
CA ALA B 198 19.41 20.18 4.14
C ALA B 198 17.96 19.83 3.93
N CYS B 199 17.36 19.13 4.92
CA CYS B 199 15.93 18.87 4.96
C CYS B 199 15.37 19.52 6.22
N GLU B 200 14.30 20.31 6.03
CA GLU B 200 13.61 21.06 7.07
C GLU B 200 12.24 20.42 7.27
N VAL B 201 11.95 20.08 8.53
CA VAL B 201 10.76 19.37 8.96
C VAL B 201 9.85 20.25 9.84
N THR B 202 8.54 20.30 9.51
CA THR B 202 7.53 20.96 10.33
C THR B 202 6.49 19.92 10.70
N HIS B 203 6.04 19.96 11.95
CA HIS B 203 5.09 19.02 12.52
C HIS B 203 4.45 19.63 13.78
N GLN B 204 3.22 19.18 14.09
CA GLN B 204 2.39 19.52 15.25
C GLN B 204 3.17 19.42 16.60
N GLY B 205 4.01 18.39 16.74
CA GLY B 205 4.81 18.16 17.94
C GLY B 205 6.07 18.98 18.06
N LEU B 206 6.35 19.86 17.07
CA LEU B 206 7.55 20.71 17.07
C LEU B 206 7.20 22.18 17.19
N SER B 207 7.75 22.86 18.22
CA SER B 207 7.50 24.29 18.45
C SER B 207 8.23 25.17 17.42
N SER B 208 9.39 24.69 16.94
CA SER B 208 10.23 25.33 15.90
C SER B 208 10.67 24.26 14.87
N PRO B 209 10.87 24.60 13.57
CA PRO B 209 11.27 23.56 12.60
C PRO B 209 12.63 22.90 12.90
N VAL B 210 12.76 21.63 12.52
CA VAL B 210 13.98 20.86 12.70
C VAL B 210 14.68 20.81 11.33
N THR B 211 15.97 21.20 11.30
CA THR B 211 16.81 21.17 10.10
C THR B 211 17.94 20.20 10.37
N LYS B 212 18.08 19.18 9.50
CA LYS B 212 19.20 18.23 9.54
C LYS B 212 19.95 18.48 8.25
N SER B 213 21.28 18.69 8.33
CA SER B 213 22.10 19.02 7.17
C SER B 213 23.52 18.47 7.25
N PHE B 214 24.29 18.59 6.13
CA PHE B 214 25.69 18.18 6.02
C PHE B 214 26.34 18.91 4.84
N ASN B 215 27.69 18.96 4.82
CA ASN B 215 28.49 19.47 3.71
C ASN B 215 29.00 18.26 2.91
N ARG B 216 28.86 18.28 1.56
CA ARG B 216 29.34 17.20 0.70
C ARG B 216 30.86 17.01 0.92
N GLY B 217 31.27 15.75 1.12
CA GLY B 217 32.67 15.37 1.35
C GLY B 217 33.10 15.40 2.81
N GLU B 218 32.33 16.10 3.68
CA GLU B 218 32.63 16.21 5.11
C GLU B 218 32.05 15.05 5.90
#